data_5GKG
#
_entry.id   5GKG
#
_cell.length_a   92.420
_cell.length_b   92.420
_cell.length_c   405.080
_cell.angle_alpha   90.00
_cell.angle_beta   90.00
_cell.angle_gamma   120.00
#
_symmetry.space_group_name_H-M   'P 61 2 2'
#
loop_
_entity.id
_entity.type
_entity.pdbx_description
1 polymer 'Endonuclease EndoMS'
2 polymer "DNA (5'-D(*CP*GP*CP*TP*AP*CP*AP*GP*GP*TP*CP*GP*TP*CP*C)-3')"
3 polymer "DNA (5'-D(*GP*GP*AP*CP*GP*AP*CP*GP*TP*GP*TP*AP*GP*CP*G)-3')"
4 non-polymer 'MAGNESIUM ION'
5 non-polymer (4S)-2-METHYL-2,4-PENTANEDIOL
6 water water
#
loop_
_entity_poly.entity_id
_entity_poly.type
_entity_poly.pdbx_seq_one_letter_code
_entity_poly.pdbx_strand_id
1 'polypeptide(L)'
;MSKDKVTVITSPSTEELVSLVNSALLEEAMLTIFARCKVHYDGRAKSELGSGDRVIIVKPDGSFLIHQSKKREPVNWQPP
GSRVRLELRENPVLVSIRRKPRETLEVELEEVYMVSVFRAEDYEELALTGSEAEMAELIFENPEVIEPGFKPLFREKAIG
TGIVAVLGRDSDGNIVVLELKRRRAELHAVRQLKSYVEILREEYGDKVRGILVAPSLTSGAKRLLEKEGLEFRKLEPPKR
DSKKKGRQKTLF
;
A,B
2 'polydeoxyribonucleotide' (DC)(DG)(DC)(DT)(DA)(DC)(DA)(DG)(DG)(DT)(DC)(DG)(DT)(DC)(DC) C
3 'polydeoxyribonucleotide' (DG)(DG)(DA)(DC)(DG)(DA)(DC)(DG)(DT)(DG)(DT)(DA)(DG)(DC)(DG) D
#
# COMPACT_ATOMS: atom_id res chain seq x y z
N SER A 2 33.62 -11.13 -5.91
CA SER A 2 32.99 -10.69 -7.16
C SER A 2 32.32 -11.87 -7.90
N LYS A 3 32.85 -13.07 -7.72
CA LYS A 3 32.20 -14.29 -8.21
C LYS A 3 31.36 -14.85 -7.06
N ASP A 4 31.56 -14.31 -5.86
CA ASP A 4 30.76 -14.68 -4.70
C ASP A 4 29.35 -14.16 -4.81
N LYS A 5 28.43 -14.82 -4.12
CA LYS A 5 27.04 -14.36 -4.09
C LYS A 5 26.96 -13.01 -3.38
N VAL A 6 27.76 -12.86 -2.33
CA VAL A 6 27.76 -11.67 -1.49
C VAL A 6 29.13 -11.04 -1.36
N THR A 7 29.16 -9.73 -1.50
CA THR A 7 30.31 -8.90 -1.23
C THR A 7 29.90 -7.84 -0.19
N VAL A 8 30.73 -7.64 0.83
CA VAL A 8 30.43 -6.75 1.95
C VAL A 8 31.65 -5.89 2.23
N ILE A 9 31.49 -4.58 2.29
CA ILE A 9 32.55 -3.73 2.79
C ILE A 9 32.01 -2.79 3.87
N THR A 10 32.57 -2.89 5.08
CA THR A 10 32.21 -1.96 6.15
C THR A 10 33.10 -0.75 6.09
N SER A 11 32.57 0.42 6.44
CA SER A 11 33.30 1.68 6.31
C SER A 11 34.04 1.83 4.98
N PRO A 12 33.32 1.74 3.84
CA PRO A 12 34.05 1.82 2.57
C PRO A 12 34.69 3.17 2.31
N SER A 13 35.74 3.21 1.50
CA SER A 13 36.23 4.47 0.94
C SER A 13 35.27 4.89 -0.15
N THR A 14 35.48 6.08 -0.71
CA THR A 14 34.62 6.52 -1.80
C THR A 14 34.84 5.60 -2.98
N GLU A 15 36.09 5.23 -3.18
CA GLU A 15 36.42 4.37 -4.29
C GLU A 15 35.79 3.00 -4.06
N GLU A 16 35.83 2.55 -2.81
CA GLU A 16 35.21 1.28 -2.43
C GLU A 16 33.72 1.35 -2.66
N LEU A 17 33.14 2.49 -2.25
CA LEU A 17 31.71 2.73 -2.38
C LEU A 17 31.25 2.73 -3.82
N VAL A 18 31.96 3.50 -4.63
CA VAL A 18 31.66 3.63 -6.05
C VAL A 18 31.73 2.28 -6.72
N SER A 19 32.79 1.56 -6.42
CA SER A 19 33.04 0.25 -7.02
C SER A 19 31.87 -0.73 -6.80
N LEU A 20 31.38 -0.86 -5.56
CA LEU A 20 30.32 -1.84 -5.28
C LEU A 20 29.00 -1.40 -5.88
N VAL A 21 28.70 -0.12 -5.76
CA VAL A 21 27.51 0.40 -6.43
C VAL A 21 27.53 0.09 -7.92
N ASN A 22 28.65 0.40 -8.57
CA ASN A 22 28.82 0.11 -9.99
C ASN A 22 28.54 -1.36 -10.33
N SER A 23 29.12 -2.24 -9.55
CA SER A 23 28.98 -3.68 -9.82
C SER A 23 27.56 -4.16 -9.64
N ALA A 24 26.91 -3.69 -8.59
CA ALA A 24 25.53 -4.06 -8.31
C ALA A 24 24.66 -3.79 -9.52
N LEU A 25 24.74 -2.56 -10.04
CA LEU A 25 23.99 -2.19 -11.24
C LEU A 25 24.38 -3.01 -12.49
N LEU A 26 25.68 -3.23 -12.72
CA LEU A 26 26.09 -3.99 -13.89
C LEU A 26 25.75 -5.44 -13.77
N GLU A 27 25.81 -5.96 -12.55
CA GLU A 27 25.66 -7.39 -12.36
C GLU A 27 24.20 -7.75 -12.12
N GLU A 28 23.35 -6.73 -12.11
CA GLU A 28 21.93 -6.91 -11.83
C GLU A 28 21.71 -7.55 -10.47
N ALA A 29 22.52 -7.11 -9.50
CA ALA A 29 22.48 -7.61 -8.14
C ALA A 29 21.66 -6.68 -7.21
N MET A 30 21.48 -7.08 -5.96
CA MET A 30 20.83 -6.22 -5.00
C MET A 30 21.89 -5.43 -4.28
N LEU A 31 21.61 -4.14 -4.13
CA LEU A 31 22.54 -3.26 -3.48
C LEU A 31 21.92 -2.91 -2.14
N THR A 32 22.68 -3.12 -1.06
CA THR A 32 22.21 -2.75 0.27
C THR A 32 23.26 -1.90 0.97
N ILE A 33 22.82 -0.75 1.48
CA ILE A 33 23.69 0.19 2.17
C ILE A 33 23.15 0.50 3.55
N PHE A 34 24.05 0.54 4.54
CA PHE A 34 23.73 1.01 5.89
C PHE A 34 24.38 2.38 6.02
N ALA A 35 23.61 3.42 6.27
CA ALA A 35 24.20 4.74 6.20
C ALA A 35 23.50 5.79 7.05
N ARG A 36 24.27 6.78 7.45
CA ARG A 36 23.71 8.03 7.92
C ARG A 36 23.48 8.86 6.70
N CYS A 37 22.25 9.36 6.54
CA CYS A 37 21.95 10.12 5.33
C CYS A 37 20.90 11.18 5.49
N LYS A 38 20.71 11.91 4.40
CA LYS A 38 19.61 12.85 4.21
C LYS A 38 18.84 12.44 2.97
N VAL A 39 17.53 12.60 2.99
CA VAL A 39 16.75 12.25 1.82
C VAL A 39 15.90 13.43 1.35
N HIS A 40 16.01 13.73 0.07
CA HIS A 40 15.20 14.77 -0.51
C HIS A 40 14.39 14.11 -1.62
N TYR A 41 13.08 14.35 -1.63
CA TYR A 41 12.21 13.77 -2.64
C TYR A 41 11.32 14.85 -3.25
N ASP A 42 11.20 14.80 -4.57
CA ASP A 42 10.31 15.71 -5.26
C ASP A 42 9.71 15.00 -6.47
N GLY A 43 8.42 15.22 -6.72
CA GLY A 43 7.64 14.31 -7.52
C GLY A 43 6.16 14.59 -7.30
N ARG A 44 5.35 13.53 -7.31
CA ARG A 44 3.93 13.68 -7.03
C ARG A 44 3.67 14.55 -5.78
N ALA A 45 4.59 14.47 -4.82
CA ALA A 45 4.60 15.34 -3.66
C ALA A 45 6.04 15.74 -3.38
N LYS A 46 6.30 16.31 -2.19
CA LYS A 46 7.65 16.79 -1.85
C LYS A 46 7.93 16.49 -0.38
N SER A 47 9.15 16.04 -0.09
CA SER A 47 9.46 15.60 1.25
C SER A 47 10.93 15.79 1.58
N GLU A 48 11.21 15.92 2.88
CA GLU A 48 12.57 16.03 3.37
C GLU A 48 12.70 15.15 4.61
N LEU A 49 13.82 14.46 4.70
CA LEU A 49 14.20 13.65 5.85
C LEU A 49 15.63 14.05 6.28
N GLY A 50 15.78 14.50 7.52
CA GLY A 50 17.07 14.96 7.99
C GLY A 50 17.99 13.81 8.30
N SER A 51 19.22 14.15 8.68
CA SER A 51 20.27 13.17 8.95
C SER A 51 19.90 12.13 10.01
N GLY A 52 20.11 10.87 9.66
CA GLY A 52 19.75 9.77 10.54
C GLY A 52 20.22 8.50 9.86
N ASP A 53 20.18 7.39 10.59
CA ASP A 53 20.63 6.12 10.04
C ASP A 53 19.49 5.34 9.45
N ARG A 54 19.70 4.80 8.26
CA ARG A 54 18.67 4.02 7.59
C ARG A 54 19.29 2.90 6.77
N VAL A 55 18.48 1.90 6.48
CA VAL A 55 18.86 0.90 5.50
C VAL A 55 18.39 1.31 4.11
N ILE A 56 19.28 1.19 3.11
CA ILE A 56 18.93 1.51 1.73
C ILE A 56 18.99 0.28 0.85
N ILE A 57 17.98 0.08 0.02
CA ILE A 57 18.04 -1.08 -0.88
C ILE A 57 17.72 -0.64 -2.29
N VAL A 58 18.58 -1.03 -3.23
CA VAL A 58 18.35 -0.76 -4.63
C VAL A 58 18.26 -2.09 -5.32
N LYS A 59 17.09 -2.36 -5.90
CA LYS A 59 16.87 -3.62 -6.60
C LYS A 59 17.32 -3.51 -8.05
N PRO A 60 17.67 -4.66 -8.64
CA PRO A 60 18.06 -4.65 -10.05
C PRO A 60 16.93 -4.19 -10.98
N ASP A 61 15.66 -4.27 -10.60
CA ASP A 61 14.61 -3.74 -11.50
C ASP A 61 14.35 -2.24 -11.30
N GLY A 62 15.13 -1.60 -10.44
CA GLY A 62 15.04 -0.16 -10.28
C GLY A 62 14.37 0.27 -8.98
N SER A 63 13.69 -0.66 -8.32
CA SER A 63 13.03 -0.36 -7.06
C SER A 63 14.07 0.11 -6.05
N PHE A 64 13.72 1.16 -5.34
CA PHE A 64 14.62 1.86 -4.44
C PHE A 64 13.85 1.94 -3.12
N LEU A 65 14.49 1.51 -2.03
CA LEU A 65 13.85 1.49 -0.71
C LEU A 65 14.70 2.17 0.35
N ILE A 66 14.05 2.95 1.19
CA ILE A 66 14.74 3.53 2.31
C ILE A 66 13.96 3.24 3.59
N HIS A 67 14.59 2.53 4.51
CA HIS A 67 13.90 2.09 5.73
C HIS A 67 14.50 2.65 7.01
N GLN A 68 13.64 3.31 7.78
CA GLN A 68 13.93 3.69 9.13
C GLN A 68 13.80 2.45 10.03
N SER A 69 14.04 2.58 11.32
CA SER A 69 14.00 1.39 12.16
C SER A 69 12.57 1.06 12.62
N LYS A 70 11.63 1.88 12.17
CA LYS A 70 10.23 1.61 12.44
C LYS A 70 9.39 1.47 11.18
N LYS A 71 8.21 0.92 11.44
CA LYS A 71 7.10 0.55 10.54
C LYS A 71 7.37 -0.45 9.41
N ARG A 72 6.39 -0.66 8.54
CA ARG A 72 6.53 -1.65 7.49
C ARG A 72 6.85 -1.00 6.15
N GLU A 73 6.55 0.29 6.11
CA GLU A 73 6.71 1.10 4.93
C GLU A 73 8.07 1.77 4.89
N PRO A 74 8.67 1.84 3.69
CA PRO A 74 9.86 2.66 3.55
C PRO A 74 9.52 4.14 3.74
N VAL A 75 10.36 4.91 4.44
CA VAL A 75 10.14 6.34 4.55
C VAL A 75 10.18 7.08 3.18
N ASN A 76 10.96 6.56 2.23
CA ASN A 76 11.03 7.09 0.87
C ASN A 76 11.38 5.95 -0.05
N TRP A 77 11.16 6.15 -1.34
CA TRP A 77 11.32 5.05 -2.26
C TRP A 77 11.31 5.53 -3.69
N GLN A 78 11.52 4.58 -4.58
CA GLN A 78 11.30 4.80 -5.99
C GLN A 78 10.78 3.46 -6.54
N PRO A 79 9.82 3.49 -7.48
CA PRO A 79 9.21 2.27 -8.06
C PRO A 79 10.10 1.56 -9.10
N PRO A 80 9.75 0.31 -9.47
CA PRO A 80 10.42 -0.41 -10.55
C PRO A 80 10.53 0.43 -11.81
N GLY A 81 11.70 0.44 -12.44
CA GLY A 81 11.90 1.20 -13.66
C GLY A 81 12.69 2.47 -13.45
N SER A 82 12.91 2.87 -12.20
CA SER A 82 13.67 4.08 -11.97
C SER A 82 15.14 3.86 -12.24
N ARG A 83 15.81 4.91 -12.68
CA ARG A 83 17.22 4.85 -12.98
C ARG A 83 17.99 5.51 -11.87
N VAL A 84 19.03 4.84 -11.38
CA VAL A 84 19.82 5.39 -10.29
C VAL A 84 21.27 5.62 -10.75
N ARG A 85 21.88 6.67 -10.21
CA ARG A 85 23.29 6.92 -10.45
C ARG A 85 23.88 7.41 -9.14
N LEU A 86 25.21 7.44 -9.06
CA LEU A 86 25.86 7.93 -7.85
C LEU A 86 26.75 9.12 -8.18
N GLU A 87 26.38 10.28 -7.67
CA GLU A 87 27.15 11.50 -7.92
C GLU A 87 28.05 11.80 -6.75
N LEU A 88 29.28 12.20 -7.06
CA LEU A 88 30.19 12.61 -6.02
C LEU A 88 30.19 14.11 -5.97
N ARG A 89 29.42 14.59 -5.01
CA ARG A 89 29.45 15.96 -4.53
C ARG A 89 30.35 15.92 -3.29
N GLU A 90 30.22 16.90 -2.40
CA GLU A 90 30.87 16.89 -1.08
C GLU A 90 30.71 15.55 -0.35
N ASN A 91 29.52 14.96 -0.45
CA ASN A 91 29.28 13.57 -0.06
C ASN A 91 28.76 12.85 -1.28
N PRO A 92 28.84 11.50 -1.30
CA PRO A 92 28.24 10.81 -2.44
C PRO A 92 26.74 10.96 -2.35
N VAL A 93 26.07 11.06 -3.49
CA VAL A 93 24.64 11.20 -3.46
C VAL A 93 24.07 10.18 -4.42
N LEU A 94 23.23 9.30 -3.90
CA LEU A 94 22.44 8.42 -4.72
C LEU A 94 21.31 9.23 -5.34
N VAL A 95 21.18 9.15 -6.65
CA VAL A 95 20.09 9.87 -7.30
C VAL A 95 19.32 8.87 -8.09
N SER A 96 18.04 8.76 -7.81
CA SER A 96 17.21 7.86 -8.57
C SER A 96 16.04 8.66 -9.12
N ILE A 97 15.82 8.55 -10.42
CA ILE A 97 14.76 9.33 -11.01
C ILE A 97 13.81 8.41 -11.74
N ARG A 98 12.56 8.76 -11.59
CA ARG A 98 11.47 8.10 -12.26
C ARG A 98 10.96 9.04 -13.33
N ARG A 99 10.96 8.54 -14.54
CA ARG A 99 10.29 9.23 -15.64
C ARG A 99 8.80 8.88 -15.54
N LYS A 100 7.93 9.83 -15.85
CA LYS A 100 6.48 9.53 -15.97
C LYS A 100 5.74 8.86 -14.79
N PRO A 101 5.31 9.65 -13.82
CA PRO A 101 5.49 11.09 -13.70
C PRO A 101 6.90 11.35 -13.24
N ARG A 102 7.44 12.54 -13.52
CA ARG A 102 8.83 12.78 -13.17
C ARG A 102 8.96 12.87 -11.68
N GLU A 103 9.81 12.02 -11.12
CA GLU A 103 10.06 12.02 -9.69
C GLU A 103 11.54 11.79 -9.41
N THR A 104 12.14 12.62 -8.56
CA THR A 104 13.53 12.40 -8.24
C THR A 104 13.66 12.16 -6.73
N LEU A 105 14.58 11.23 -6.40
CA LEU A 105 14.93 10.84 -5.04
C LEU A 105 16.44 11.04 -4.88
N GLU A 106 16.83 11.76 -3.83
CA GLU A 106 18.22 12.11 -3.61
C GLU A 106 18.67 11.72 -2.20
N VAL A 107 19.61 10.80 -2.13
CA VAL A 107 20.09 10.35 -0.84
C VAL A 107 21.52 10.75 -0.63
N GLU A 108 21.74 11.72 0.24
CA GLU A 108 23.08 12.18 0.53
C GLU A 108 23.72 11.23 1.53
N LEU A 109 24.78 10.53 1.15
CA LEU A 109 25.38 9.59 2.10
C LEU A 109 26.46 10.31 2.90
N GLU A 110 26.15 10.64 4.14
CA GLU A 110 27.05 11.41 5.01
C GLU A 110 28.08 10.49 5.65
N GLU A 111 27.63 9.29 6.01
CA GLU A 111 28.52 8.20 6.38
C GLU A 111 28.02 6.85 5.94
N VAL A 112 28.80 6.12 5.15
CA VAL A 112 28.38 4.77 4.83
C VAL A 112 29.02 3.71 5.76
N TYR A 113 28.18 3.15 6.61
CA TYR A 113 28.61 2.15 7.57
C TYR A 113 28.86 0.81 6.90
N MET A 114 28.07 0.50 5.90
CA MET A 114 28.24 -0.73 5.15
C MET A 114 27.67 -0.58 3.75
N VAL A 115 28.31 -1.22 2.79
CA VAL A 115 27.76 -1.37 1.46
C VAL A 115 27.92 -2.82 1.05
N SER A 116 26.92 -3.39 0.41
CA SER A 116 27.00 -4.78 0.01
C SER A 116 26.32 -5.07 -1.32
N VAL A 117 26.84 -6.05 -2.02
CA VAL A 117 26.25 -6.53 -3.25
C VAL A 117 25.82 -7.95 -3.02
N PHE A 118 24.59 -8.26 -3.39
CA PHE A 118 24.01 -9.59 -3.16
C PHE A 118 23.47 -10.07 -4.52
N ARG A 119 24.08 -11.10 -5.08
CA ARG A 119 23.70 -11.51 -6.42
C ARG A 119 22.75 -12.63 -6.24
N ALA A 120 21.48 -12.25 -6.16
CA ALA A 120 20.45 -13.11 -5.63
C ALA A 120 19.84 -13.90 -6.74
N GLU A 121 19.72 -15.19 -6.55
CA GLU A 121 19.07 -16.03 -7.54
C GLU A 121 17.72 -16.45 -7.03
N ASP A 122 16.67 -16.10 -7.75
CA ASP A 122 15.33 -16.46 -7.35
C ASP A 122 14.52 -16.76 -8.59
N TYR A 123 14.12 -18.01 -8.78
CA TYR A 123 13.22 -18.38 -9.87
C TYR A 123 11.77 -18.60 -9.43
N GLU A 124 11.51 -18.34 -8.16
CA GLU A 124 10.25 -18.75 -7.54
C GLU A 124 9.24 -17.62 -7.36
N GLU A 125 8.00 -17.86 -7.78
CA GLU A 125 6.90 -16.90 -7.58
C GLU A 125 5.99 -17.22 -6.38
N LEU A 126 5.60 -16.18 -5.64
CA LEU A 126 4.67 -16.35 -4.52
C LEU A 126 3.36 -17.02 -4.94
N ALA A 127 2.89 -17.95 -4.12
CA ALA A 127 1.59 -18.55 -4.35
C ALA A 127 0.70 -18.23 -3.17
N LEU A 128 -0.37 -17.49 -3.41
CA LEU A 128 -1.21 -17.01 -2.33
C LEU A 128 -2.63 -17.53 -2.48
N THR A 129 -3.28 -17.90 -1.39
CA THR A 129 -4.65 -18.32 -1.45
C THR A 129 -5.48 -17.48 -0.48
N GLY A 130 -6.80 -17.51 -0.64
CA GLY A 130 -7.69 -16.70 0.18
C GLY A 130 -7.97 -15.31 -0.38
N SER A 131 -7.88 -15.17 -1.70
CA SER A 131 -8.13 -13.91 -2.38
C SER A 131 -9.60 -13.70 -2.75
N GLU A 132 -9.93 -12.50 -3.24
CA GLU A 132 -11.29 -12.24 -3.75
C GLU A 132 -11.55 -13.06 -5.02
N ALA A 133 -10.53 -13.22 -5.86
CA ALA A 133 -10.73 -13.98 -7.09
C ALA A 133 -11.13 -15.42 -6.76
N GLU A 134 -10.62 -15.97 -5.66
CA GLU A 134 -11.02 -17.30 -5.28
C GLU A 134 -12.48 -17.37 -4.81
N MET A 135 -12.95 -16.29 -4.20
CA MET A 135 -14.35 -16.21 -3.84
C MET A 135 -15.20 -16.33 -5.09
N ALA A 136 -14.81 -15.61 -6.14
CA ALA A 136 -15.53 -15.59 -7.39
C ALA A 136 -15.58 -16.99 -8.01
N GLU A 137 -14.42 -17.65 -8.09
CA GLU A 137 -14.33 -19.03 -8.61
C GLU A 137 -15.30 -19.94 -7.88
N LEU A 138 -15.25 -19.90 -6.57
CA LEU A 138 -16.14 -20.65 -5.72
C LEU A 138 -17.60 -20.41 -6.12
N ILE A 139 -17.93 -19.19 -6.50
CA ILE A 139 -19.31 -18.81 -6.75
C ILE A 139 -19.74 -19.30 -8.14
N PHE A 140 -18.81 -19.30 -9.07
CA PHE A 140 -19.06 -19.91 -10.36
C PHE A 140 -19.09 -21.46 -10.28
N GLU A 141 -18.19 -22.04 -9.50
CA GLU A 141 -18.19 -23.49 -9.30
C GLU A 141 -19.46 -23.91 -8.54
N ASN A 142 -19.94 -23.04 -7.66
CA ASN A 142 -20.92 -23.40 -6.66
C ASN A 142 -21.96 -22.30 -6.33
N PRO A 143 -22.81 -21.90 -7.30
CA PRO A 143 -23.62 -20.70 -7.09
C PRO A 143 -24.62 -20.75 -5.94
N GLU A 144 -24.89 -21.92 -5.40
CA GLU A 144 -25.82 -22.01 -4.29
C GLU A 144 -25.21 -21.41 -3.03
N VAL A 145 -23.87 -21.20 -3.00
CA VAL A 145 -23.28 -20.48 -1.85
C VAL A 145 -23.88 -19.09 -1.78
N ILE A 146 -24.45 -18.62 -2.89
CA ILE A 146 -25.17 -17.36 -2.91
C ILE A 146 -26.64 -17.59 -2.54
N GLU A 147 -27.31 -18.42 -3.33
CA GLU A 147 -28.70 -18.76 -3.11
C GLU A 147 -29.10 -19.80 -4.15
N PRO A 148 -30.14 -20.60 -3.88
CA PRO A 148 -30.52 -21.63 -4.84
C PRO A 148 -31.02 -21.05 -6.16
N GLY A 149 -30.58 -21.62 -7.28
CA GLY A 149 -31.00 -21.16 -8.58
C GLY A 149 -30.43 -19.79 -8.93
N PHE A 150 -29.30 -19.46 -8.35
CA PHE A 150 -28.58 -18.27 -8.76
C PHE A 150 -27.76 -18.68 -9.98
N LYS A 151 -27.80 -17.86 -11.03
CA LYS A 151 -27.03 -18.12 -12.24
C LYS A 151 -26.00 -17.03 -12.42
N PRO A 152 -24.73 -17.35 -12.14
CA PRO A 152 -23.62 -16.45 -12.44
C PRO A 152 -23.40 -16.37 -13.95
N LEU A 153 -23.26 -15.16 -14.47
CA LEU A 153 -23.11 -14.94 -15.91
C LEU A 153 -21.77 -14.30 -16.24
N PHE A 154 -21.44 -13.17 -15.60
CA PHE A 154 -20.15 -12.54 -15.89
C PHE A 154 -19.31 -12.34 -14.64
N ARG A 155 -18.03 -12.11 -14.87
CA ARG A 155 -17.06 -11.89 -13.82
C ARG A 155 -16.21 -10.69 -14.27
N GLU A 156 -15.96 -9.75 -13.36
CA GLU A 156 -15.26 -8.49 -13.71
C GLU A 156 -15.78 -7.88 -15.01
N LYS A 157 -17.04 -7.47 -14.97
CA LYS A 157 -17.78 -7.03 -16.14
C LYS A 157 -17.84 -5.51 -16.20
N ALA A 158 -17.26 -4.94 -17.24
CA ALA A 158 -17.50 -3.54 -17.45
C ALA A 158 -19.00 -3.38 -17.70
N ILE A 159 -19.62 -2.58 -16.87
CA ILE A 159 -20.91 -2.03 -17.21
C ILE A 159 -20.52 -0.63 -17.66
N GLY A 160 -21.46 0.26 -17.86
CA GLY A 160 -21.10 1.53 -18.46
C GLY A 160 -20.07 2.34 -17.68
N THR A 161 -20.35 2.53 -16.40
CA THR A 161 -19.48 3.28 -15.51
C THR A 161 -19.11 2.31 -14.39
N GLY A 162 -17.85 1.89 -14.36
CA GLY A 162 -17.44 0.91 -13.36
C GLY A 162 -17.45 -0.56 -13.78
N ILE A 163 -16.94 -1.41 -12.90
CA ILE A 163 -16.74 -2.82 -13.19
C ILE A 163 -17.25 -3.69 -12.05
N VAL A 164 -18.16 -4.59 -12.41
CA VAL A 164 -18.89 -5.40 -11.46
C VAL A 164 -18.09 -6.64 -11.17
N ALA A 165 -18.10 -7.13 -9.93
CA ALA A 165 -17.37 -8.35 -9.61
C ALA A 165 -18.03 -9.58 -10.26
N VAL A 166 -19.32 -9.77 -9.98
CA VAL A 166 -20.06 -10.87 -10.57
C VAL A 166 -21.45 -10.36 -11.01
N LEU A 167 -21.82 -10.67 -12.23
CA LEU A 167 -23.14 -10.29 -12.72
C LEU A 167 -23.91 -11.58 -13.02
N GLY A 168 -25.18 -11.62 -12.63
CA GLY A 168 -25.96 -12.83 -12.84
C GLY A 168 -27.47 -12.64 -12.80
N ARG A 169 -28.19 -13.75 -12.74
CA ARG A 169 -29.64 -13.75 -12.59
C ARG A 169 -30.05 -14.58 -11.38
N ASP A 170 -31.27 -14.37 -10.91
CA ASP A 170 -31.81 -15.25 -9.90
C ASP A 170 -32.98 -16.02 -10.51
N SER A 171 -33.56 -16.93 -9.73
CA SER A 171 -34.56 -17.83 -10.26
C SER A 171 -35.88 -17.13 -10.62
N ASP A 172 -36.09 -15.92 -10.13
CA ASP A 172 -37.28 -15.12 -10.43
C ASP A 172 -37.09 -14.19 -11.61
N GLY A 173 -35.96 -14.32 -12.30
CA GLY A 173 -35.70 -13.51 -13.48
C GLY A 173 -35.17 -12.10 -13.26
N ASN A 174 -34.80 -11.78 -12.02
CA ASN A 174 -34.10 -10.54 -11.74
C ASN A 174 -32.62 -10.61 -12.12
N ILE A 175 -32.04 -9.46 -12.44
CA ILE A 175 -30.59 -9.38 -12.55
C ILE A 175 -29.93 -9.23 -11.17
N VAL A 176 -28.81 -9.92 -10.97
CA VAL A 176 -28.11 -9.85 -9.69
C VAL A 176 -26.68 -9.29 -9.84
N VAL A 177 -26.39 -8.21 -9.13
CA VAL A 177 -25.01 -7.73 -8.92
C VAL A 177 -24.48 -8.30 -7.63
N LEU A 178 -23.27 -8.88 -7.68
CA LEU A 178 -22.54 -9.25 -6.47
C LEU A 178 -21.35 -8.32 -6.32
N GLU A 179 -21.26 -7.65 -5.17
CA GLU A 179 -20.01 -7.05 -4.70
C GLU A 179 -19.35 -7.99 -3.68
N LEU A 180 -18.12 -8.43 -3.97
CA LEU A 180 -17.37 -9.35 -3.11
C LEU A 180 -16.29 -8.63 -2.34
N LYS A 181 -16.12 -9.00 -1.07
CA LYS A 181 -14.96 -8.57 -0.28
C LYS A 181 -14.37 -9.75 0.47
N ARG A 182 -13.04 -9.85 0.43
CA ARG A 182 -12.31 -10.95 1.07
C ARG A 182 -12.22 -10.74 2.56
N ARG A 183 -12.65 -9.57 3.01
CA ARG A 183 -12.57 -9.20 4.41
C ARG A 183 -13.80 -8.40 4.74
N ARG A 184 -13.91 -8.00 6.00
CA ARG A 184 -15.08 -7.29 6.48
C ARG A 184 -15.34 -6.09 5.57
N ALA A 185 -16.60 -5.97 5.14
CA ALA A 185 -16.97 -4.97 4.17
C ALA A 185 -17.25 -3.66 4.87
N GLU A 186 -16.74 -2.59 4.26
CA GLU A 186 -16.90 -1.23 4.75
C GLU A 186 -17.80 -0.40 3.83
N LEU A 187 -18.01 0.86 4.21
CA LEU A 187 -18.83 1.78 3.45
C LEU A 187 -18.45 1.80 1.98
N HIS A 188 -17.15 1.84 1.71
CA HIS A 188 -16.59 1.82 0.37
C HIS A 188 -17.25 0.72 -0.52
N ALA A 189 -17.37 -0.50 0.00
CA ALA A 189 -17.97 -1.62 -0.72
C ALA A 189 -19.43 -1.38 -1.04
N VAL A 190 -20.19 -0.86 -0.09
CA VAL A 190 -21.61 -0.70 -0.29
C VAL A 190 -21.85 0.39 -1.32
N ARG A 191 -21.00 1.41 -1.31
CA ARG A 191 -21.00 2.48 -2.30
C ARG A 191 -20.75 1.95 -3.70
N GLN A 192 -19.81 1.02 -3.83
CA GLN A 192 -19.56 0.32 -5.09
C GLN A 192 -20.86 -0.39 -5.53
N LEU A 193 -21.38 -1.26 -4.65
CA LEU A 193 -22.61 -2.02 -4.89
C LEU A 193 -23.80 -1.13 -5.31
N LYS A 194 -24.09 -0.11 -4.52
CA LYS A 194 -25.20 0.81 -4.79
C LYS A 194 -25.03 1.43 -6.17
N SER A 195 -23.79 1.84 -6.45
CA SER A 195 -23.47 2.50 -7.69
C SER A 195 -23.81 1.65 -8.93
N TYR A 196 -23.41 0.37 -8.87
CA TYR A 196 -23.62 -0.57 -9.96
C TYR A 196 -25.09 -0.88 -10.14
N VAL A 197 -25.76 -1.16 -9.03
CA VAL A 197 -27.16 -1.51 -9.04
C VAL A 197 -27.98 -0.37 -9.66
N GLU A 198 -27.65 0.87 -9.31
CA GLU A 198 -28.38 2.00 -9.88
C GLU A 198 -28.14 2.07 -11.38
N ILE A 199 -26.88 1.94 -11.81
CA ILE A 199 -26.57 1.90 -13.23
C ILE A 199 -27.32 0.79 -13.97
N LEU A 200 -27.42 -0.38 -13.36
CA LEU A 200 -28.15 -1.48 -13.98
C LEU A 200 -29.64 -1.23 -14.01
N ARG A 201 -30.18 -0.62 -12.94
CA ARG A 201 -31.59 -0.23 -12.93
C ARG A 201 -31.94 0.71 -14.09
N GLU A 202 -31.01 1.55 -14.50
CA GLU A 202 -31.24 2.46 -15.61
C GLU A 202 -31.66 1.69 -16.87
N GLU A 203 -30.98 0.57 -17.15
CA GLU A 203 -31.34 -0.25 -18.32
C GLU A 203 -32.49 -1.22 -18.07
N TYR A 204 -32.43 -1.96 -16.97
CA TYR A 204 -33.37 -3.08 -16.74
C TYR A 204 -34.50 -2.76 -15.76
N GLY A 205 -34.51 -1.54 -15.25
CA GLY A 205 -35.56 -1.15 -14.32
C GLY A 205 -35.51 -1.91 -13.01
N ASP A 206 -36.63 -1.90 -12.30
CA ASP A 206 -36.69 -2.27 -10.89
C ASP A 206 -36.32 -3.72 -10.58
N LYS A 207 -36.04 -4.49 -11.62
CA LYS A 207 -35.78 -5.92 -11.50
C LYS A 207 -34.31 -6.26 -11.14
N VAL A 208 -33.54 -5.30 -10.65
CA VAL A 208 -32.17 -5.57 -10.25
C VAL A 208 -31.98 -5.71 -8.72
N ARG A 209 -31.26 -6.74 -8.30
CA ARG A 209 -30.88 -6.96 -6.90
C ARG A 209 -29.36 -6.79 -6.68
N GLY A 210 -28.98 -6.11 -5.60
CA GLY A 210 -27.59 -6.05 -5.21
C GLY A 210 -27.35 -6.97 -4.04
N ILE A 211 -26.19 -7.63 -4.06
CA ILE A 211 -25.83 -8.49 -2.94
C ILE A 211 -24.37 -8.27 -2.59
N LEU A 212 -24.13 -7.95 -1.32
CA LEU A 212 -22.78 -7.79 -0.84
C LEU A 212 -22.35 -9.09 -0.20
N VAL A 213 -21.29 -9.66 -0.73
CA VAL A 213 -20.82 -10.97 -0.31
C VAL A 213 -19.45 -10.80 0.37
N ALA A 214 -19.38 -11.24 1.63
CA ALA A 214 -18.24 -10.92 2.49
C ALA A 214 -18.34 -11.69 3.79
N PRO A 215 -17.21 -11.89 4.47
CA PRO A 215 -17.22 -12.58 5.77
C PRO A 215 -17.99 -11.80 6.85
N SER A 216 -18.01 -10.46 6.77
CA SER A 216 -18.85 -9.62 7.60
C SER A 216 -18.96 -8.17 7.09
N LEU A 217 -19.65 -7.33 7.87
CA LEU A 217 -19.85 -5.91 7.60
C LEU A 217 -19.44 -4.99 8.76
N THR A 218 -18.98 -3.78 8.45
CA THR A 218 -18.86 -2.75 9.48
C THR A 218 -20.24 -2.17 9.78
N SER A 219 -20.36 -1.47 10.90
CA SER A 219 -21.64 -0.87 11.30
C SER A 219 -22.18 0.07 10.22
N GLY A 220 -21.31 0.88 9.63
CA GLY A 220 -21.72 1.80 8.59
C GLY A 220 -22.20 1.10 7.34
N ALA A 221 -21.46 0.05 6.94
CA ALA A 221 -21.84 -0.77 5.81
C ALA A 221 -23.25 -1.32 6.02
N LYS A 222 -23.47 -2.02 7.13
CA LYS A 222 -24.78 -2.63 7.38
C LYS A 222 -25.87 -1.57 7.41
N ARG A 223 -25.58 -0.46 8.06
CA ARG A 223 -26.53 0.63 8.14
C ARG A 223 -26.93 1.07 6.73
N LEU A 224 -25.94 1.46 5.93
CA LEU A 224 -26.18 1.92 4.57
C LEU A 224 -26.81 0.83 3.69
N LEU A 225 -26.33 -0.40 3.84
CA LEU A 225 -26.87 -1.51 3.07
C LEU A 225 -28.37 -1.63 3.30
N GLU A 226 -28.76 -1.74 4.55
CA GLU A 226 -30.16 -1.78 4.92
C GLU A 226 -30.95 -0.60 4.36
N LYS A 227 -30.42 0.60 4.54
CA LYS A 227 -31.10 1.80 4.09
C LYS A 227 -31.51 1.68 2.63
N GLU A 228 -30.58 1.25 1.78
CA GLU A 228 -30.86 1.17 0.35
C GLU A 228 -31.55 -0.15 -0.02
N GLY A 229 -31.91 -0.96 0.96
CA GLY A 229 -32.45 -2.27 0.70
C GLY A 229 -31.56 -3.15 -0.18
N LEU A 230 -30.26 -3.17 0.07
CA LEU A 230 -29.41 -4.13 -0.61
C LEU A 230 -29.24 -5.35 0.30
N GLU A 231 -28.60 -6.40 -0.18
CA GLU A 231 -28.56 -7.64 0.59
C GLU A 231 -27.14 -8.08 0.97
N PHE A 232 -27.04 -8.91 1.99
CA PHE A 232 -25.74 -9.42 2.41
C PHE A 232 -25.80 -10.95 2.40
N ARG A 233 -24.74 -11.58 1.90
CA ARG A 233 -24.48 -13.01 2.11
C ARG A 233 -23.08 -13.19 2.69
N LYS A 234 -23.02 -13.87 3.83
CA LYS A 234 -21.76 -14.14 4.48
C LYS A 234 -20.98 -15.21 3.72
N LEU A 235 -19.77 -14.86 3.31
CA LEU A 235 -18.89 -15.84 2.69
C LEU A 235 -17.44 -15.53 3.05
N GLU A 236 -16.72 -16.56 3.44
CA GLU A 236 -15.30 -16.45 3.73
C GLU A 236 -14.56 -16.77 2.46
N PRO A 237 -13.47 -16.04 2.17
CA PRO A 237 -12.60 -16.46 1.05
C PRO A 237 -12.04 -17.83 1.30
N PRO A 238 -12.15 -18.75 0.33
CA PRO A 238 -11.61 -20.10 0.52
C PRO A 238 -10.09 -20.08 0.62
N LYS A 239 -9.49 -20.85 1.54
CA LYS A 239 -8.05 -21.09 1.48
C LYS A 239 -7.83 -22.47 0.87
N ARG A 240 -7.35 -22.51 -0.36
CA ARG A 240 -7.23 -23.77 -1.08
C ARG A 240 -5.78 -24.20 -1.11
N SER B 2 28.89 -4.28 21.19
CA SER B 2 27.60 -3.60 21.19
C SER B 2 27.72 -2.12 20.85
N LYS B 3 28.95 -1.59 20.76
CA LYS B 3 29.15 -0.20 20.34
C LYS B 3 29.56 0.03 18.87
N ASP B 4 29.77 -1.05 18.10
CA ASP B 4 29.89 -0.94 16.63
C ASP B 4 28.53 -0.73 16.01
N LYS B 5 28.42 0.17 15.02
CA LYS B 5 27.14 0.33 14.31
C LYS B 5 26.75 -0.97 13.64
N VAL B 6 27.73 -1.59 13.00
CA VAL B 6 27.44 -2.76 12.21
C VAL B 6 28.22 -3.95 12.72
N THR B 7 27.59 -5.12 12.64
CA THR B 7 28.26 -6.34 12.87
C THR B 7 27.82 -7.27 11.75
N VAL B 8 28.77 -7.72 10.93
CA VAL B 8 28.47 -8.51 9.74
C VAL B 8 29.19 -9.82 9.71
N ILE B 9 28.50 -10.87 9.34
CA ILE B 9 29.17 -12.11 9.12
C ILE B 9 28.71 -12.69 7.80
N THR B 10 29.63 -13.08 6.94
CA THR B 10 29.20 -13.78 5.73
C THR B 10 29.44 -15.24 5.97
N SER B 11 28.62 -16.06 5.33
CA SER B 11 28.62 -17.50 5.55
C SER B 11 28.74 -17.86 7.04
N PRO B 12 27.82 -17.34 7.88
CA PRO B 12 27.91 -17.60 9.32
C PRO B 12 27.63 -19.06 9.67
N SER B 13 28.26 -19.55 10.74
CA SER B 13 27.85 -20.85 11.26
C SER B 13 26.56 -20.63 12.02
N THR B 14 25.83 -21.71 12.23
CA THR B 14 24.63 -21.70 13.03
C THR B 14 24.84 -20.98 14.36
N GLU B 15 25.94 -21.29 15.00
CA GLU B 15 26.30 -20.61 16.24
C GLU B 15 26.40 -19.10 16.03
N GLU B 16 26.95 -18.71 14.89
CA GLU B 16 27.17 -17.29 14.59
C GLU B 16 25.84 -16.61 14.29
N LEU B 17 25.00 -17.34 13.54
CA LEU B 17 23.64 -16.91 13.23
C LEU B 17 22.88 -16.58 14.49
N VAL B 18 22.85 -17.56 15.40
CA VAL B 18 22.10 -17.45 16.64
C VAL B 18 22.62 -16.30 17.47
N SER B 19 23.93 -16.18 17.53
CA SER B 19 24.48 -15.11 18.31
C SER B 19 24.05 -13.73 17.76
N LEU B 20 24.11 -13.54 16.45
CA LEU B 20 23.82 -12.22 15.91
C LEU B 20 22.32 -11.97 15.86
N VAL B 21 21.54 -13.00 15.56
CA VAL B 21 20.10 -12.84 15.54
C VAL B 21 19.64 -12.41 16.93
N ASN B 22 20.04 -13.17 17.95
CA ASN B 22 19.56 -12.90 19.28
C ASN B 22 20.10 -11.60 19.86
N SER B 23 21.27 -11.17 19.42
CA SER B 23 21.75 -9.89 19.92
C SER B 23 21.00 -8.74 19.25
N ALA B 24 20.63 -8.93 17.99
CA ALA B 24 19.86 -7.93 17.28
C ALA B 24 18.58 -7.63 18.06
N LEU B 25 17.89 -8.70 18.47
CA LEU B 25 16.64 -8.59 19.22
C LEU B 25 16.80 -7.99 20.62
N LEU B 26 17.81 -8.43 21.38
CA LEU B 26 18.00 -7.84 22.70
C LEU B 26 18.48 -6.43 22.62
N GLU B 27 19.24 -6.12 21.56
CA GLU B 27 19.82 -4.78 21.43
C GLU B 27 18.81 -3.85 20.76
N GLU B 28 17.72 -4.43 20.26
CA GLU B 28 16.74 -3.68 19.49
C GLU B 28 17.40 -2.93 18.35
N ALA B 29 18.10 -3.70 17.54
CA ALA B 29 18.82 -3.17 16.39
C ALA B 29 18.15 -3.76 15.15
N MET B 30 18.34 -3.12 13.99
CA MET B 30 17.87 -3.75 12.76
C MET B 30 18.71 -4.97 12.43
N LEU B 31 18.02 -6.05 12.10
CA LEU B 31 18.59 -7.30 11.64
C LEU B 31 18.43 -7.41 10.12
N THR B 32 19.50 -7.66 9.39
CA THR B 32 19.42 -7.91 7.95
C THR B 32 20.16 -9.18 7.60
N ILE B 33 19.54 -9.98 6.75
CA ILE B 33 20.03 -11.29 6.35
C ILE B 33 19.83 -11.54 4.83
N PHE B 34 20.89 -11.99 4.15
CA PHE B 34 20.75 -12.45 2.78
C PHE B 34 20.74 -13.97 2.86
N ALA B 35 19.73 -14.60 2.28
CA ALA B 35 19.58 -16.03 2.45
C ALA B 35 18.80 -16.70 1.33
N ARG B 36 19.11 -17.96 1.12
CA ARG B 36 18.22 -18.83 0.38
C ARG B 36 17.19 -19.33 1.41
N CYS B 37 15.91 -19.26 1.06
CA CYS B 37 14.86 -19.57 2.04
C CYS B 37 13.61 -20.05 1.36
N LYS B 38 12.73 -20.62 2.18
CA LYS B 38 11.34 -20.85 1.82
C LYS B 38 10.51 -20.02 2.78
N VAL B 39 9.31 -19.62 2.35
CA VAL B 39 8.46 -18.80 3.19
C VAL B 39 7.06 -19.36 3.25
N HIS B 40 6.54 -19.46 4.47
CA HIS B 40 5.20 -19.92 4.71
C HIS B 40 4.45 -18.86 5.51
N TYR B 41 3.32 -18.42 4.98
CA TYR B 41 2.47 -17.45 5.67
C TYR B 41 1.04 -17.97 5.79
N ASP B 42 0.49 -17.86 7.01
CA ASP B 42 -0.92 -18.12 7.26
C ASP B 42 -1.42 -17.07 8.25
N GLY B 43 -2.62 -16.60 8.01
CA GLY B 43 -3.04 -15.33 8.56
C GLY B 43 -4.34 -14.96 7.89
N ARG B 44 -4.54 -13.67 7.68
CA ARG B 44 -5.64 -13.18 6.87
C ARG B 44 -5.76 -13.96 5.55
N ALA B 45 -4.65 -14.38 5.01
CA ALA B 45 -4.70 -15.24 3.85
C ALA B 45 -3.62 -16.28 4.10
N LYS B 46 -3.24 -17.00 3.06
CA LYS B 46 -2.27 -18.07 3.18
C LYS B 46 -1.38 -18.11 1.95
N SER B 47 -0.07 -18.26 2.15
CA SER B 47 0.83 -18.32 0.98
C SER B 47 2.10 -19.16 1.17
N GLU B 48 2.55 -19.73 0.06
CA GLU B 48 3.82 -20.43 -0.01
C GLU B 48 4.74 -19.71 -0.97
N LEU B 49 5.98 -19.58 -0.57
CA LEU B 49 7.05 -19.18 -1.48
C LEU B 49 8.15 -20.21 -1.45
N GLY B 50 8.44 -20.77 -2.61
CA GLY B 50 9.49 -21.77 -2.73
C GLY B 50 10.89 -21.24 -2.48
N SER B 51 11.85 -22.16 -2.57
CA SER B 51 13.25 -21.87 -2.28
C SER B 51 13.87 -20.82 -3.22
N GLY B 52 14.54 -19.82 -2.66
CA GLY B 52 15.10 -18.75 -3.48
C GLY B 52 15.82 -17.75 -2.61
N ASP B 53 16.60 -16.87 -3.23
CA ASP B 53 17.43 -15.91 -2.49
C ASP B 53 16.63 -14.66 -2.25
N ARG B 54 16.70 -14.10 -1.04
CA ARG B 54 15.95 -12.90 -0.67
C ARG B 54 16.65 -12.15 0.43
N VAL B 55 16.32 -10.87 0.54
CA VAL B 55 16.79 -10.01 1.61
C VAL B 55 15.75 -10.05 2.72
N ILE B 56 16.19 -10.31 3.94
CA ILE B 56 15.28 -10.33 5.08
C ILE B 56 15.64 -9.20 6.06
N ILE B 57 14.63 -8.47 6.53
CA ILE B 57 14.85 -7.38 7.49
C ILE B 57 13.85 -7.49 8.67
N VAL B 58 14.38 -7.48 9.89
CA VAL B 58 13.56 -7.44 11.10
C VAL B 58 13.87 -6.15 11.79
N LYS B 59 12.89 -5.27 11.92
CA LYS B 59 13.10 -3.99 12.58
C LYS B 59 12.89 -4.16 14.09
N PRO B 60 13.53 -3.32 14.91
CA PRO B 60 13.37 -3.42 16.37
C PRO B 60 11.91 -3.32 16.85
N ASP B 61 11.03 -2.74 16.04
CA ASP B 61 9.61 -2.61 16.41
C ASP B 61 8.78 -3.81 15.96
N GLY B 62 9.44 -4.83 15.42
CA GLY B 62 8.77 -6.06 15.07
C GLY B 62 8.40 -6.16 13.59
N SER B 63 8.52 -5.06 12.86
CA SER B 63 8.24 -5.10 11.43
C SER B 63 9.17 -6.11 10.78
N PHE B 64 8.60 -6.97 9.95
CA PHE B 64 9.36 -8.01 9.31
C PHE B 64 9.17 -7.87 7.78
N LEU B 65 10.26 -7.84 7.02
CA LEU B 65 10.23 -7.71 5.55
C LEU B 65 10.95 -8.84 4.82
N ILE B 66 10.34 -9.38 3.79
CA ILE B 66 11.07 -10.26 2.88
C ILE B 66 10.99 -9.75 1.43
N HIS B 67 12.14 -9.38 0.88
CA HIS B 67 12.23 -8.83 -0.46
C HIS B 67 12.92 -9.71 -1.51
N GLN B 68 12.21 -9.90 -2.62
CA GLN B 68 12.78 -10.44 -3.84
C GLN B 68 13.56 -9.34 -4.60
N SER B 69 14.17 -9.73 -5.71
CA SER B 69 15.10 -8.88 -6.41
C SER B 69 14.35 -7.94 -7.34
N LYS B 70 13.03 -8.09 -7.36
CA LYS B 70 12.11 -7.21 -8.09
C LYS B 70 10.98 -6.69 -7.21
N LYS B 71 10.34 -5.68 -7.76
CA LYS B 71 9.28 -4.81 -7.22
C LYS B 71 9.54 -4.00 -5.94
N ARG B 72 8.54 -3.24 -5.53
CA ARG B 72 8.65 -2.35 -4.35
C ARG B 72 8.13 -3.01 -3.08
N GLU B 73 7.04 -3.75 -3.25
CA GLU B 73 6.45 -4.48 -2.14
C GLU B 73 7.31 -5.67 -1.69
N PRO B 74 7.33 -5.90 -0.39
CA PRO B 74 7.87 -7.19 0.10
C PRO B 74 7.00 -8.36 -0.37
N VAL B 75 7.60 -9.48 -0.73
CA VAL B 75 6.78 -10.66 -1.07
C VAL B 75 6.04 -11.18 0.18
N ASN B 76 6.60 -10.98 1.35
CA ASN B 76 5.94 -11.34 2.58
C ASN B 76 6.41 -10.39 3.66
N TRP B 77 5.65 -10.32 4.73
CA TRP B 77 5.96 -9.35 5.75
C TRP B 77 5.24 -9.68 7.04
N GLN B 78 5.50 -8.85 8.04
CA GLN B 78 4.74 -8.88 9.27
C GLN B 78 4.75 -7.43 9.73
N PRO B 79 3.64 -6.96 10.33
CA PRO B 79 3.49 -5.56 10.76
C PRO B 79 4.17 -5.26 12.08
N PRO B 80 4.38 -3.96 12.36
CA PRO B 80 4.93 -3.58 13.66
C PRO B 80 4.20 -4.29 14.81
N GLY B 81 4.96 -4.63 15.83
CA GLY B 81 4.43 -5.27 17.01
C GLY B 81 4.40 -6.77 16.93
N SER B 82 4.81 -7.32 15.80
CA SER B 82 4.95 -8.78 15.75
C SER B 82 6.13 -9.25 16.59
N ARG B 83 6.13 -10.52 16.96
CA ARG B 83 7.25 -11.08 17.70
C ARG B 83 7.91 -12.19 16.91
N VAL B 84 9.23 -12.15 16.82
CA VAL B 84 9.99 -13.20 16.14
C VAL B 84 10.86 -13.99 17.11
N ARG B 85 10.89 -15.31 16.93
CA ARG B 85 11.85 -16.19 17.59
C ARG B 85 12.65 -16.89 16.49
N LEU B 86 13.89 -17.28 16.77
CA LEU B 86 14.67 -18.05 15.80
C LEU B 86 14.65 -19.49 16.25
N GLU B 87 14.34 -20.39 15.33
CA GLU B 87 14.07 -21.76 15.71
C GLU B 87 15.03 -22.72 15.03
N LEU B 88 15.68 -23.57 15.81
CA LEU B 88 16.55 -24.55 15.21
C LEU B 88 15.78 -25.84 14.99
N ARG B 89 15.76 -26.25 13.73
CA ARG B 89 15.07 -27.44 13.24
C ARG B 89 16.02 -27.97 12.18
N GLU B 90 15.50 -28.79 11.25
CA GLU B 90 16.31 -29.26 10.15
C GLU B 90 17.11 -28.10 9.58
N ASN B 91 16.48 -26.93 9.48
CA ASN B 91 17.20 -25.66 9.28
C ASN B 91 16.83 -24.64 10.35
N PRO B 92 17.64 -23.58 10.49
CA PRO B 92 17.13 -22.47 11.29
C PRO B 92 15.84 -21.93 10.66
N VAL B 93 14.92 -21.46 11.49
CA VAL B 93 13.66 -20.94 10.99
C VAL B 93 13.32 -19.69 11.72
N LEU B 94 13.12 -18.61 10.96
CA LEU B 94 12.61 -17.38 11.53
C LEU B 94 11.10 -17.49 11.62
N VAL B 95 10.56 -17.31 12.83
CA VAL B 95 9.12 -17.40 13.02
C VAL B 95 8.62 -16.08 13.58
N SER B 96 7.70 -15.41 12.88
CA SER B 96 7.12 -14.16 13.38
C SER B 96 5.61 -14.32 13.54
N ILE B 97 5.12 -13.89 14.70
CA ILE B 97 3.70 -14.02 15.02
C ILE B 97 3.08 -12.69 15.41
N ARG B 98 1.97 -12.34 14.78
CA ARG B 98 1.19 -11.22 15.30
C ARG B 98 -0.08 -11.80 15.91
N ARG B 99 -0.56 -11.10 16.93
CA ARG B 99 -1.66 -11.53 17.81
C ARG B 99 -3.04 -11.40 17.17
N LYS B 100 -3.41 -10.15 16.89
CA LYS B 100 -4.78 -9.81 16.55
C LYS B 100 -4.81 -8.98 15.29
N PRO B 101 -5.15 -9.60 14.15
CA PRO B 101 -5.53 -11.00 13.97
C PRO B 101 -4.31 -11.92 13.98
N ARG B 102 -4.52 -13.20 14.17
CA ARG B 102 -3.40 -14.10 14.33
C ARG B 102 -2.78 -14.43 13.00
N GLU B 103 -1.52 -14.03 12.82
CA GLU B 103 -0.81 -14.30 11.57
C GLU B 103 0.59 -14.83 11.84
N THR B 104 0.93 -15.89 11.13
CA THR B 104 2.21 -16.54 11.28
C THR B 104 3.02 -16.45 10.02
N LEU B 105 4.25 -15.99 10.17
CA LEU B 105 5.22 -15.98 9.09
C LEU B 105 6.39 -16.89 9.48
N GLU B 106 6.69 -17.87 8.62
CA GLU B 106 7.81 -18.77 8.84
C GLU B 106 8.86 -18.68 7.73
N VAL B 107 10.07 -18.24 8.07
CA VAL B 107 11.14 -18.20 7.08
C VAL B 107 12.18 -19.29 7.33
N GLU B 108 12.15 -20.33 6.52
CA GLU B 108 13.14 -21.40 6.69
C GLU B 108 14.46 -21.02 6.01
N LEU B 109 15.51 -20.87 6.80
CA LEU B 109 16.77 -20.43 6.25
C LEU B 109 17.60 -21.65 5.81
N GLU B 110 17.66 -21.88 4.51
CA GLU B 110 18.38 -23.01 3.96
C GLU B 110 19.87 -22.70 3.95
N GLU B 111 20.21 -21.56 3.37
CA GLU B 111 21.56 -21.05 3.42
C GLU B 111 21.64 -19.55 3.70
N VAL B 112 22.31 -19.19 4.80
CA VAL B 112 22.51 -17.80 5.13
C VAL B 112 23.84 -17.32 4.56
N TYR B 113 23.75 -16.46 3.55
CA TYR B 113 24.91 -15.83 2.95
C TYR B 113 25.47 -14.73 3.83
N MET B 114 24.56 -14.01 4.49
CA MET B 114 25.01 -12.94 5.37
C MET B 114 24.04 -12.70 6.50
N VAL B 115 24.54 -12.33 7.67
CA VAL B 115 23.71 -11.88 8.76
C VAL B 115 24.35 -10.66 9.38
N SER B 116 23.53 -9.65 9.68
CA SER B 116 24.08 -8.40 10.17
C SER B 116 23.17 -7.76 11.20
N VAL B 117 23.81 -7.06 12.12
CA VAL B 117 23.16 -6.21 13.08
C VAL B 117 23.56 -4.77 12.77
N PHE B 118 22.56 -3.91 12.63
CA PHE B 118 22.78 -2.51 12.32
C PHE B 118 22.18 -1.74 13.51
N ARG B 119 23.02 -1.03 14.26
CA ARG B 119 22.45 -0.38 15.41
C ARG B 119 22.19 1.06 15.03
N ALA B 120 21.00 1.30 14.53
CA ALA B 120 20.81 2.52 13.78
C ALA B 120 20.24 3.57 14.69
N GLU B 121 20.78 4.76 14.57
CA GLU B 121 20.35 5.89 15.37
C GLU B 121 19.65 6.85 14.43
N ASP B 122 18.37 7.11 14.68
CA ASP B 122 17.61 8.07 13.88
C ASP B 122 16.65 8.84 14.77
N TYR B 123 16.88 10.14 14.95
CA TYR B 123 15.91 10.95 15.69
C TYR B 123 15.02 11.80 14.79
N GLU B 124 15.18 11.62 13.49
CA GLU B 124 14.57 12.51 12.54
C GLU B 124 13.31 11.89 11.90
N GLU B 125 12.33 12.72 11.58
CA GLU B 125 11.14 12.17 10.96
C GLU B 125 10.73 12.93 9.73
N LEU B 126 10.00 12.25 8.86
CA LEU B 126 9.72 12.77 7.54
C LEU B 126 8.82 14.00 7.60
N ALA B 127 9.16 14.99 6.80
CA ALA B 127 8.32 16.15 6.58
C ALA B 127 7.83 16.13 5.13
N LEU B 128 6.55 15.84 4.93
CA LEU B 128 5.99 15.76 3.59
C LEU B 128 5.02 16.90 3.34
N THR B 129 5.01 17.39 2.11
CA THR B 129 4.08 18.41 1.71
C THR B 129 3.37 17.99 0.39
N GLY B 130 2.24 18.64 0.09
CA GLY B 130 1.47 18.33 -1.10
C GLY B 130 0.36 17.32 -0.84
N SER B 131 -0.06 17.20 0.41
CA SER B 131 -1.08 16.22 0.80
C SER B 131 -2.53 16.73 0.61
N GLU B 132 -3.52 15.87 0.84
CA GLU B 132 -4.91 16.34 0.80
C GLU B 132 -5.19 17.29 1.98
N ALA B 133 -4.61 17.00 3.14
CA ALA B 133 -4.81 17.82 4.32
C ALA B 133 -4.38 19.25 4.08
N GLU B 134 -3.31 19.43 3.31
CA GLU B 134 -2.87 20.76 2.89
C GLU B 134 -3.74 21.42 1.80
N MET B 135 -4.52 20.64 1.06
CA MET B 135 -5.53 21.24 0.20
C MET B 135 -6.61 21.82 1.11
N ALA B 136 -6.99 21.07 2.12
CA ALA B 136 -8.05 21.55 3.01
C ALA B 136 -7.64 22.90 3.60
N GLU B 137 -6.40 23.00 4.07
CA GLU B 137 -5.88 24.22 4.64
C GLU B 137 -5.94 25.37 3.66
N LEU B 138 -5.41 25.17 2.46
CA LEU B 138 -5.40 26.22 1.46
C LEU B 138 -6.83 26.72 1.20
N ILE B 139 -7.79 25.81 1.26
CA ILE B 139 -9.17 26.14 0.95
C ILE B 139 -9.78 26.97 2.08
N PHE B 140 -9.46 26.63 3.33
CA PHE B 140 -9.95 27.43 4.45
C PHE B 140 -9.21 28.76 4.56
N GLU B 141 -8.00 28.82 4.05
CA GLU B 141 -7.22 30.05 4.08
C GLU B 141 -7.57 30.97 2.92
N ASN B 142 -7.96 30.37 1.80
CA ASN B 142 -8.34 31.16 0.65
C ASN B 142 -9.47 30.48 -0.10
N PRO B 143 -10.70 30.62 0.42
CA PRO B 143 -11.88 29.90 -0.08
C PRO B 143 -12.18 30.20 -1.52
N GLU B 144 -11.57 31.25 -2.04
CA GLU B 144 -11.85 31.66 -3.40
C GLU B 144 -11.29 30.69 -4.44
N VAL B 145 -10.30 29.89 -4.06
CA VAL B 145 -9.75 28.90 -5.01
C VAL B 145 -10.85 27.93 -5.43
N ILE B 146 -11.87 27.76 -4.58
CA ILE B 146 -13.10 27.10 -5.00
C ILE B 146 -13.93 28.03 -5.90
N GLU B 147 -14.39 29.14 -5.30
CA GLU B 147 -15.21 30.14 -6.01
C GLU B 147 -15.54 31.29 -5.07
N PRO B 148 -15.78 32.49 -5.63
CA PRO B 148 -16.19 33.65 -4.84
C PRO B 148 -17.37 33.37 -3.94
N GLY B 149 -17.26 33.81 -2.70
CA GLY B 149 -18.31 33.67 -1.72
C GLY B 149 -18.43 32.30 -1.09
N PHE B 150 -17.54 31.39 -1.44
CA PHE B 150 -17.62 30.09 -0.81
C PHE B 150 -17.18 30.28 0.63
N LYS B 151 -17.94 29.74 1.57
CA LYS B 151 -17.53 29.81 2.97
C LYS B 151 -17.37 28.40 3.53
N PRO B 152 -16.11 27.98 3.76
CA PRO B 152 -15.80 26.71 4.42
C PRO B 152 -16.11 26.78 5.92
N LEU B 153 -16.70 25.71 6.43
CA LEU B 153 -17.28 25.61 7.77
C LEU B 153 -16.71 24.40 8.54
N PHE B 154 -16.83 23.20 7.99
CA PHE B 154 -16.33 22.01 8.67
C PHE B 154 -15.37 21.16 7.85
N ARG B 155 -14.38 20.64 8.55
CA ARG B 155 -13.39 19.72 7.99
C ARG B 155 -13.62 18.32 8.63
N GLU B 156 -13.72 17.30 7.80
CA GLU B 156 -13.92 15.92 8.26
C GLU B 156 -15.18 15.81 9.09
N LYS B 157 -16.24 16.42 8.61
CA LYS B 157 -17.50 16.41 9.34
C LYS B 157 -18.21 15.09 9.12
N ALA B 158 -18.43 14.38 10.22
CA ALA B 158 -19.28 13.22 10.17
C ALA B 158 -20.70 13.67 9.89
N ILE B 159 -21.22 13.19 8.77
CA ILE B 159 -22.63 13.25 8.46
C ILE B 159 -23.12 11.88 8.85
N GLY B 160 -24.36 11.54 8.51
CA GLY B 160 -24.94 10.33 9.07
C GLY B 160 -24.10 9.10 8.82
N THR B 161 -23.83 8.87 7.54
CA THR B 161 -23.07 7.70 7.14
C THR B 161 -21.93 8.18 6.25
N GLY B 162 -20.71 8.11 6.78
CA GLY B 162 -19.55 8.71 6.14
C GLY B 162 -19.03 9.99 6.82
N ILE B 163 -17.85 10.41 6.37
CA ILE B 163 -17.18 11.62 6.83
C ILE B 163 -16.78 12.46 5.63
N VAL B 164 -17.33 13.67 5.56
CA VAL B 164 -17.08 14.50 4.38
C VAL B 164 -15.85 15.34 4.64
N ALA B 165 -15.08 15.59 3.60
CA ALA B 165 -13.82 16.30 3.74
C ALA B 165 -14.06 17.77 4.08
N VAL B 166 -14.86 18.49 3.30
CA VAL B 166 -15.18 19.85 3.69
C VAL B 166 -16.64 20.10 3.45
N LEU B 167 -17.30 20.61 4.48
CA LEU B 167 -18.67 21.03 4.40
C LEU B 167 -18.72 22.56 4.47
N GLY B 168 -19.59 23.20 3.69
CA GLY B 168 -19.58 24.65 3.62
C GLY B 168 -20.84 25.29 3.05
N ARG B 169 -20.76 26.58 2.74
CA ARG B 169 -21.89 27.27 2.16
C ARG B 169 -21.43 28.14 1.02
N ASP B 170 -22.32 28.33 0.02
CA ASP B 170 -22.02 29.29 -1.05
C ASP B 170 -22.71 30.65 -0.88
N SER B 171 -22.46 31.54 -1.83
CA SER B 171 -23.08 32.85 -1.83
C SER B 171 -24.61 32.80 -1.92
N ASP B 172 -25.21 31.67 -2.31
CA ASP B 172 -26.68 31.56 -2.34
C ASP B 172 -27.17 30.99 -1.02
N GLY B 173 -26.25 30.73 -0.11
CA GLY B 173 -26.60 30.04 1.12
C GLY B 173 -26.90 28.55 1.02
N ASN B 174 -26.50 27.90 -0.06
CA ASN B 174 -26.59 26.43 -0.07
C ASN B 174 -25.49 25.77 0.76
N ILE B 175 -25.79 24.61 1.30
CA ILE B 175 -24.76 23.69 1.79
C ILE B 175 -23.91 23.16 0.62
N VAL B 176 -22.61 23.10 0.85
CA VAL B 176 -21.66 22.65 -0.16
C VAL B 176 -20.74 21.54 0.36
N VAL B 177 -20.85 20.34 -0.21
CA VAL B 177 -19.86 19.28 0.06
C VAL B 177 -18.69 19.39 -0.91
N LEU B 178 -17.46 19.41 -0.40
CA LEU B 178 -16.30 19.16 -1.25
C LEU B 178 -15.79 17.74 -1.02
N GLU B 179 -15.41 17.03 -2.10
CA GLU B 179 -14.47 15.90 -1.95
C GLU B 179 -13.17 16.31 -2.63
N LEU B 180 -12.08 16.22 -1.86
CA LEU B 180 -10.74 16.54 -2.35
C LEU B 180 -9.97 15.30 -2.76
N LYS B 181 -9.19 15.39 -3.83
CA LYS B 181 -8.17 14.38 -4.12
C LYS B 181 -6.91 15.12 -4.48
N ARG B 182 -5.79 14.71 -3.89
CA ARG B 182 -4.46 15.29 -4.17
C ARG B 182 -3.91 14.83 -5.52
N ARG B 183 -4.64 13.93 -6.18
CA ARG B 183 -4.26 13.48 -7.51
C ARG B 183 -5.50 13.25 -8.38
N ARG B 184 -5.28 12.81 -9.62
CA ARG B 184 -6.37 12.69 -10.57
C ARG B 184 -7.49 11.85 -9.97
N ALA B 185 -8.69 12.44 -9.93
CA ALA B 185 -9.82 11.82 -9.25
C ALA B 185 -10.42 10.74 -10.11
N GLU B 186 -10.82 9.67 -9.44
CA GLU B 186 -11.36 8.48 -10.07
C GLU B 186 -12.82 8.26 -9.75
N LEU B 187 -13.40 7.22 -10.34
CA LEU B 187 -14.77 6.84 -10.06
C LEU B 187 -15.10 6.76 -8.56
N HIS B 188 -14.20 6.19 -7.76
CA HIS B 188 -14.44 6.05 -6.31
C HIS B 188 -14.55 7.43 -5.63
N ALA B 189 -13.76 8.41 -6.07
CA ALA B 189 -13.92 9.76 -5.53
C ALA B 189 -15.35 10.25 -5.74
N VAL B 190 -15.85 10.14 -6.98
CA VAL B 190 -17.19 10.61 -7.28
C VAL B 190 -18.25 9.84 -6.49
N ARG B 191 -18.04 8.55 -6.31
CA ARG B 191 -18.95 7.79 -5.49
C ARG B 191 -18.98 8.27 -4.05
N GLN B 192 -17.84 8.66 -3.49
CA GLN B 192 -17.83 9.22 -2.14
C GLN B 192 -18.77 10.44 -2.11
N LEU B 193 -18.47 11.41 -2.98
CA LEU B 193 -19.19 12.67 -3.07
C LEU B 193 -20.68 12.47 -3.26
N LYS B 194 -21.02 11.66 -4.26
CA LYS B 194 -22.41 11.37 -4.56
C LYS B 194 -23.11 10.85 -3.31
N SER B 195 -22.44 9.92 -2.63
CA SER B 195 -22.97 9.31 -1.43
C SER B 195 -23.24 10.36 -0.34
N TYR B 196 -22.31 11.30 -0.17
CA TYR B 196 -22.46 12.32 0.85
C TYR B 196 -23.59 13.29 0.50
N VAL B 197 -23.57 13.80 -0.72
CA VAL B 197 -24.59 14.70 -1.23
C VAL B 197 -26.01 14.14 -1.09
N GLU B 198 -26.21 12.89 -1.49
CA GLU B 198 -27.49 12.24 -1.33
C GLU B 198 -27.96 12.25 0.13
N ILE B 199 -27.06 11.92 1.05
CA ILE B 199 -27.38 11.88 2.45
C ILE B 199 -27.77 13.27 2.96
N LEU B 200 -27.03 14.29 2.55
CA LEU B 200 -27.37 15.67 2.87
C LEU B 200 -28.65 16.13 2.19
N ARG B 201 -28.79 15.84 0.89
CA ARG B 201 -30.00 16.20 0.15
C ARG B 201 -31.24 15.77 0.91
N GLU B 202 -31.21 14.59 1.51
CA GLU B 202 -32.41 14.10 2.16
C GLU B 202 -32.74 14.93 3.42
N GLU B 203 -31.73 15.56 4.03
CA GLU B 203 -32.00 16.55 5.06
C GLU B 203 -32.30 17.99 4.57
N TYR B 204 -31.44 18.51 3.70
CA TYR B 204 -31.45 19.91 3.27
C TYR B 204 -32.02 20.25 1.87
N GLY B 205 -32.57 19.26 1.17
CA GLY B 205 -33.19 19.56 -0.11
C GLY B 205 -32.25 19.42 -1.30
N ASP B 206 -32.77 19.68 -2.49
CA ASP B 206 -32.07 19.36 -3.73
C ASP B 206 -31.05 20.41 -4.12
N LYS B 207 -30.99 21.48 -3.35
CA LYS B 207 -30.13 22.62 -3.65
C LYS B 207 -28.69 22.33 -3.22
N VAL B 208 -28.50 21.27 -2.43
CA VAL B 208 -27.17 20.87 -1.98
C VAL B 208 -26.24 20.64 -3.17
N ARG B 209 -25.10 21.31 -3.15
CA ARG B 209 -24.09 21.15 -4.20
C ARG B 209 -22.97 20.17 -3.79
N GLY B 210 -22.61 19.22 -4.66
CA GLY B 210 -21.31 18.58 -4.52
C GLY B 210 -20.23 19.14 -5.43
N ILE B 211 -19.02 19.29 -4.92
CA ILE B 211 -17.91 19.67 -5.79
C ILE B 211 -16.75 18.72 -5.55
N LEU B 212 -16.31 18.08 -6.64
CA LEU B 212 -15.08 17.31 -6.63
C LEU B 212 -13.92 18.27 -6.86
N VAL B 213 -12.95 18.30 -5.93
CA VAL B 213 -11.81 19.20 -6.04
C VAL B 213 -10.48 18.44 -6.17
N ALA B 214 -9.93 18.44 -7.37
CA ALA B 214 -8.80 17.60 -7.76
C ALA B 214 -8.01 18.29 -8.86
N PRO B 215 -6.73 17.93 -9.04
CA PRO B 215 -5.91 18.44 -10.15
C PRO B 215 -6.43 18.10 -11.53
N SER B 216 -7.17 17.00 -11.66
CA SER B 216 -7.80 16.54 -12.92
C SER B 216 -8.76 15.38 -12.59
N LEU B 217 -9.47 14.86 -13.59
CA LEU B 217 -10.23 13.65 -13.36
C LEU B 217 -10.28 12.72 -14.58
N THR B 218 -10.57 11.45 -14.33
CA THR B 218 -10.63 10.45 -15.38
C THR B 218 -11.90 10.57 -16.20
N SER B 219 -11.86 10.01 -17.41
CA SER B 219 -13.02 9.91 -18.28
C SER B 219 -14.27 9.43 -17.54
N GLY B 220 -14.11 8.36 -16.76
CA GLY B 220 -15.20 7.82 -15.97
C GLY B 220 -15.76 8.74 -14.90
N ALA B 221 -14.87 9.47 -14.23
CA ALA B 221 -15.29 10.34 -13.15
C ALA B 221 -16.13 11.49 -13.71
N LYS B 222 -15.66 12.07 -14.81
CA LYS B 222 -16.38 13.12 -15.52
C LYS B 222 -17.79 12.70 -15.87
N ARG B 223 -17.92 11.50 -16.42
CA ARG B 223 -19.21 11.03 -16.90
C ARG B 223 -20.21 10.94 -15.78
N LEU B 224 -19.76 10.36 -14.68
CA LEU B 224 -20.63 10.10 -13.54
C LEU B 224 -20.93 11.39 -12.79
N LEU B 225 -19.91 12.23 -12.64
CA LEU B 225 -20.10 13.57 -12.10
C LEU B 225 -21.21 14.30 -12.86
N GLU B 226 -21.09 14.32 -14.18
CA GLU B 226 -22.03 15.06 -15.01
C GLU B 226 -23.42 14.47 -14.92
N LYS B 227 -23.51 13.15 -14.98
CA LYS B 227 -24.77 12.42 -14.91
C LYS B 227 -25.45 12.72 -13.58
N GLU B 228 -24.67 12.96 -12.53
CA GLU B 228 -25.25 13.14 -11.20
C GLU B 228 -25.50 14.61 -10.85
N GLY B 229 -25.13 15.51 -11.76
CA GLY B 229 -25.23 16.93 -11.53
C GLY B 229 -24.25 17.42 -10.48
N LEU B 230 -23.06 16.85 -10.46
CA LEU B 230 -22.09 17.32 -9.50
C LEU B 230 -21.11 18.19 -10.24
N GLU B 231 -20.21 18.82 -9.51
CA GLU B 231 -19.36 19.82 -10.11
C GLU B 231 -17.89 19.50 -9.90
N PHE B 232 -17.04 20.14 -10.69
CA PHE B 232 -15.61 19.91 -10.57
C PHE B 232 -14.87 21.23 -10.50
N ARG B 233 -13.98 21.37 -9.53
CA ARG B 233 -13.05 22.49 -9.48
C ARG B 233 -11.61 21.96 -9.57
N LYS B 234 -10.83 22.55 -10.46
CA LYS B 234 -9.44 22.15 -10.63
C LYS B 234 -8.61 22.82 -9.55
N LEU B 235 -7.93 22.02 -8.73
CA LEU B 235 -7.01 22.49 -7.70
C LEU B 235 -5.80 21.53 -7.58
N GLU B 236 -4.58 22.08 -7.61
CA GLU B 236 -3.36 21.31 -7.41
C GLU B 236 -3.05 21.25 -5.93
N PRO B 237 -2.52 20.12 -5.44
CA PRO B 237 -2.10 20.12 -4.04
C PRO B 237 -0.90 21.04 -3.85
N PRO B 238 -0.97 21.92 -2.84
CA PRO B 238 0.13 22.84 -2.60
C PRO B 238 1.35 22.18 -1.95
N LYS B 239 2.54 22.59 -2.36
CA LYS B 239 3.80 22.22 -1.73
C LYS B 239 4.47 23.38 -0.98
N ARG B 240 4.59 23.29 0.33
CA ARG B 240 5.40 24.22 1.12
C ARG B 240 6.74 24.56 0.46
#